data_9FJ1
#
_entry.id   9FJ1
#
_cell.length_a   282.805
_cell.length_b   282.805
_cell.length_c   282.805
_cell.angle_alpha   90.000
_cell.angle_beta   90.000
_cell.angle_gamma   90.000
#
_symmetry.space_group_name_H-M   'F 4 3 2'
#
loop_
_entity.id
_entity.type
_entity.pdbx_description
1 polymer 'Envelope phospholipase OPG057'
2 non-polymer 'CITRIC ACID'
3 non-polymer GLYCEROL
4 non-polymer "~{N}'-(4-chloranyl-3-methyl-phenyl)carbonylpyridine-4-carbohydrazide"
#
_entity_poly.entity_id   1
_entity_poly.type   'polypeptide(L)'
_entity_poly.pdbx_seq_one_letter_code
;HHHHHHHHGSGAGWSHPQFEKGGSGLVPRGSGSVPAGAKCRLVETLPENMDFRSDHLTTFECFNEIITLAKKYIYIASFC
CNPLSTTRGALIFDKLKEASEKGIKIIVLLDERGKRNLGELQSHCPDINFITVNIDKKNNVGLLLGCFWVSDDERCYVGN
ASFTGGSIHTIKTLGVYSDYPPLATDLRRRFDTFKAFNSAKNSAANLASAAAALPVSTAYHIKNPIGGVFFTDSPEHLLG
YSRDLDTDVVIDKLKSAKTSIDIEHLAIVPTTRVDGNSYYWPDIYNSIIEAAINRGVKIRLLVGNWDKNDVYSMATARSL
DALCVQNDLSVKVFTIQNNTKLLIVDDEYVHITSANFDGTHYQNHGFVSFNSIDKQLVSEAKKIFERDWVSSHSKSLKI
;
_entity_poly.pdbx_strand_id   A
#
# COMPACT_ATOMS: atom_id res chain seq x y z
N SER A 33 -14.08 -6.19 -25.84
CA SER A 33 -14.63 -6.22 -24.49
C SER A 33 -13.51 -6.25 -23.46
N VAL A 34 -13.80 -5.73 -22.26
CA VAL A 34 -12.82 -5.68 -21.17
C VAL A 34 -13.03 -6.90 -20.26
N PRO A 35 -11.98 -7.42 -19.65
CA PRO A 35 -12.14 -8.59 -18.78
C PRO A 35 -12.62 -8.22 -17.40
N ALA A 36 -13.27 -9.20 -16.76
CA ALA A 36 -13.74 -9.01 -15.39
C ALA A 36 -12.58 -9.04 -14.41
N GLY A 37 -12.53 -8.07 -13.53
CA GLY A 37 -11.43 -7.94 -12.59
C GLY A 37 -10.16 -7.34 -13.17
N ALA A 38 -10.14 -7.04 -14.46
CA ALA A 38 -8.99 -6.41 -15.12
C ALA A 38 -7.74 -7.27 -15.01
N LYS A 39 -7.90 -8.59 -15.19
CA LYS A 39 -6.80 -9.55 -15.18
C LYS A 39 -5.98 -9.47 -13.89
N CYS A 40 -6.63 -9.11 -12.79
CA CYS A 40 -5.95 -8.94 -11.52
C CYS A 40 -5.97 -10.22 -10.71
N ARG A 41 -4.85 -10.52 -10.05
CA ARG A 41 -4.75 -11.69 -9.19
C ARG A 41 -4.00 -11.33 -7.92
N LEU A 42 -4.35 -12.01 -6.84
CA LEU A 42 -3.77 -11.71 -5.54
C LEU A 42 -2.34 -12.23 -5.45
N VAL A 43 -1.49 -11.44 -4.81
CA VAL A 43 -0.09 -11.78 -4.58
C VAL A 43 0.19 -11.50 -3.11
N GLU A 44 0.97 -12.38 -2.47
CA GLU A 44 1.25 -12.15 -1.06
C GLU A 44 2.53 -12.86 -0.66
N THR A 45 3.14 -12.36 0.40
CA THR A 45 4.36 -12.92 0.98
C THR A 45 4.00 -13.58 2.30
N LEU A 46 4.16 -14.91 2.34
CA LEU A 46 3.88 -15.73 3.52
C LEU A 46 5.16 -16.45 3.92
N PRO A 47 5.85 -16.01 4.96
CA PRO A 47 7.12 -16.65 5.34
C PRO A 47 6.94 -18.09 5.75
N GLU A 48 8.05 -18.84 5.72
CA GLU A 48 8.01 -20.25 6.09
C GLU A 48 7.73 -20.45 7.57
N ASN A 49 8.20 -19.54 8.42
CA ASN A 49 7.98 -19.65 9.86
C ASN A 49 6.54 -19.34 10.26
N MET A 50 5.70 -18.92 9.33
CA MET A 50 4.32 -18.59 9.61
C MET A 50 3.40 -19.63 9.01
N ASP A 51 2.21 -19.77 9.60
CA ASP A 51 1.25 -20.80 9.20
C ASP A 51 0.36 -20.37 8.05
N PHE A 52 0.67 -19.25 7.39
CA PHE A 52 -0.14 -18.77 6.28
C PHE A 52 0.14 -19.61 5.04
N ARG A 53 -0.91 -20.20 4.47
CA ARG A 53 -0.80 -21.01 3.26
C ARG A 53 -1.86 -20.56 2.27
N SER A 54 -1.50 -20.52 0.99
CA SER A 54 -2.43 -20.14 -0.06
C SER A 54 -1.90 -20.63 -1.40
N ASP A 55 -2.81 -20.77 -2.35
CA ASP A 55 -2.45 -21.14 -3.72
C ASP A 55 -2.19 -19.94 -4.60
N HIS A 56 -2.28 -18.72 -4.06
CA HIS A 56 -2.10 -17.53 -4.87
C HIS A 56 -0.63 -17.32 -5.20
N LEU A 57 -0.37 -16.29 -6.00
CA LEU A 57 0.99 -15.96 -6.40
C LEU A 57 1.76 -15.36 -5.23
N THR A 58 3.06 -15.62 -5.20
CA THR A 58 3.93 -15.06 -4.20
C THR A 58 4.63 -13.83 -4.76
N THR A 59 5.03 -12.92 -3.86
CA THR A 59 5.69 -11.70 -4.28
C THR A 59 7.01 -11.99 -5.00
N PHE A 60 7.71 -13.04 -4.56
CA PHE A 60 8.96 -13.43 -5.22
C PHE A 60 8.71 -13.82 -6.67
N GLU A 61 7.78 -14.76 -6.88
CA GLU A 61 7.40 -15.15 -8.24
C GLU A 61 6.86 -13.97 -9.02
N CYS A 62 6.14 -13.06 -8.36
CA CYS A 62 5.58 -11.90 -9.05
C CYS A 62 6.68 -11.00 -9.61
N PHE A 63 7.68 -10.68 -8.78
CA PHE A 63 8.78 -9.85 -9.24
C PHE A 63 9.60 -10.57 -10.30
N ASN A 64 9.77 -11.89 -10.15
CA ASN A 64 10.47 -12.65 -11.18
C ASN A 64 9.75 -12.57 -12.52
N GLU A 65 8.42 -12.68 -12.51
CA GLU A 65 7.66 -12.61 -13.76
C GLU A 65 7.70 -11.21 -14.35
N ILE A 66 7.67 -10.18 -13.48
CA ILE A 66 7.74 -8.80 -13.99
C ILE A 66 9.09 -8.54 -14.65
N ILE A 67 10.17 -9.05 -14.05
CA ILE A 67 11.50 -8.80 -14.60
C ILE A 67 11.75 -9.63 -15.84
N THR A 68 11.26 -10.88 -15.86
CA THR A 68 11.52 -11.76 -16.99
C THR A 68 10.81 -11.28 -18.24
N LEU A 69 9.52 -10.97 -18.15
CA LEU A 69 8.75 -10.52 -19.30
C LEU A 69 9.02 -9.06 -19.66
N ALA A 70 9.95 -8.40 -18.96
CA ALA A 70 10.23 -7.00 -19.24
C ALA A 70 10.98 -6.85 -20.55
N LYS A 71 10.54 -5.91 -21.38
CA LYS A 71 11.18 -5.63 -22.66
C LYS A 71 11.53 -4.16 -22.86
N LYS A 72 10.87 -3.24 -22.15
CA LYS A 72 11.12 -1.81 -22.31
C LYS A 72 11.71 -1.18 -21.06
N TYR A 73 11.07 -1.35 -19.91
CA TYR A 73 11.53 -0.71 -18.68
C TYR A 73 10.96 -1.46 -17.49
N ILE A 74 11.50 -1.16 -16.32
CA ILE A 74 10.98 -1.63 -15.03
C ILE A 74 11.07 -0.46 -14.06
N TYR A 75 9.92 0.10 -13.71
CA TYR A 75 9.85 1.21 -12.75
C TYR A 75 9.35 0.69 -11.41
N ILE A 76 10.10 0.99 -10.35
CA ILE A 76 9.80 0.53 -9.00
C ILE A 76 9.74 1.74 -8.08
N ALA A 77 8.78 1.75 -7.17
CA ALA A 77 8.64 2.86 -6.23
C ALA A 77 8.27 2.33 -4.85
N SER A 78 9.06 2.72 -3.84
CA SER A 78 8.77 2.38 -2.46
C SER A 78 9.43 3.41 -1.56
N PHE A 79 9.31 3.21 -0.25
CA PHE A 79 9.94 4.11 0.71
C PHE A 79 11.43 3.82 0.83
N CYS A 80 11.77 2.68 1.40
CA CYS A 80 13.16 2.26 1.55
C CYS A 80 13.51 1.22 0.49
N CYS A 81 14.80 1.07 0.23
CA CYS A 81 15.31 0.11 -0.74
C CYS A 81 16.50 -0.61 -0.14
N ASN A 82 16.31 -1.89 0.18
CA ASN A 82 17.37 -2.72 0.76
C ASN A 82 17.05 -4.19 0.50
N PRO A 83 17.20 -4.66 -0.73
CA PRO A 83 16.80 -6.04 -1.05
C PRO A 83 17.73 -7.09 -0.50
N LEU A 84 18.99 -6.76 -0.22
CA LEU A 84 19.99 -7.77 0.15
C LEU A 84 19.84 -8.26 1.58
N SER A 85 18.82 -7.82 2.31
CA SER A 85 18.64 -8.25 3.70
C SER A 85 18.30 -9.74 3.80
N THR A 86 17.71 -10.33 2.78
CA THR A 86 17.37 -11.75 2.77
C THR A 86 17.88 -12.39 1.49
N THR A 87 17.58 -13.68 1.33
CA THR A 87 18.04 -14.42 0.17
C THR A 87 17.21 -14.11 -1.07
N ARG A 88 15.87 -14.22 -0.94
CA ARG A 88 15.00 -13.99 -2.08
C ARG A 88 15.11 -12.55 -2.58
N GLY A 89 15.28 -11.60 -1.67
CA GLY A 89 15.48 -10.22 -2.08
C GLY A 89 16.76 -10.04 -2.87
N ALA A 90 17.84 -10.71 -2.45
CA ALA A 90 19.08 -10.66 -3.21
C ALA A 90 18.92 -11.30 -4.58
N LEU A 91 18.14 -12.38 -4.67
CA LEU A 91 17.90 -13.00 -5.98
C LEU A 91 17.12 -12.06 -6.89
N ILE A 92 16.09 -11.38 -6.37
CA ILE A 92 15.36 -10.42 -7.16
C ILE A 92 16.26 -9.28 -7.61
N PHE A 93 17.14 -8.83 -6.71
CA PHE A 93 18.06 -7.75 -7.06
C PHE A 93 19.03 -8.19 -8.15
N ASP A 94 19.47 -9.45 -8.11
CA ASP A 94 20.36 -9.96 -9.16
C ASP A 94 19.64 -10.06 -10.49
N LYS A 95 18.38 -10.53 -10.49
CA LYS A 95 17.63 -10.56 -11.73
C LYS A 95 17.43 -9.17 -12.31
N LEU A 96 17.17 -8.18 -11.44
CA LEU A 96 17.01 -6.80 -11.90
C LEU A 96 18.34 -6.26 -12.43
N LYS A 97 19.46 -6.66 -11.82
CA LYS A 97 20.77 -6.27 -12.33
C LYS A 97 21.01 -6.83 -13.71
N GLU A 98 20.66 -8.10 -13.93
CA GLU A 98 20.79 -8.68 -15.26
C GLU A 98 19.92 -7.95 -16.27
N ALA A 99 18.67 -7.62 -15.87
CA ALA A 99 17.78 -6.88 -16.76
C ALA A 99 18.38 -5.52 -17.14
N SER A 100 18.94 -4.81 -16.15
CA SER A 100 19.56 -3.53 -16.45
C SER A 100 20.79 -3.67 -17.33
N GLU A 101 21.54 -4.76 -17.17
CA GLU A 101 22.70 -4.99 -18.03
C GLU A 101 22.28 -5.31 -19.46
N LYS A 102 21.12 -5.95 -19.64
CA LYS A 102 20.68 -6.29 -21.00
C LYS A 102 20.17 -5.09 -21.78
N GLY A 103 20.00 -3.93 -21.14
CA GLY A 103 19.53 -2.73 -21.83
C GLY A 103 18.20 -2.20 -21.34
N ILE A 104 17.57 -2.82 -20.33
CA ILE A 104 16.28 -2.37 -19.84
C ILE A 104 16.48 -1.15 -18.95
N LYS A 105 15.71 -0.10 -19.20
CA LYS A 105 15.80 1.12 -18.39
C LYS A 105 15.17 0.86 -17.02
N ILE A 106 16.00 0.81 -15.99
CA ILE A 106 15.56 0.55 -14.63
C ILE A 106 15.65 1.84 -13.83
N ILE A 107 14.52 2.28 -13.28
CA ILE A 107 14.45 3.47 -12.46
C ILE A 107 13.79 3.09 -11.13
N VAL A 108 14.47 3.38 -10.03
CA VAL A 108 14.00 3.03 -8.69
C VAL A 108 13.79 4.31 -7.90
N LEU A 109 12.56 4.56 -7.49
CA LEU A 109 12.21 5.73 -6.69
C LEU A 109 12.12 5.34 -5.22
N LEU A 110 12.90 6.02 -4.38
CA LEU A 110 12.85 5.83 -2.94
C LEU A 110 12.91 7.18 -2.26
N ASP A 111 12.28 7.27 -1.09
CA ASP A 111 12.26 8.53 -0.35
C ASP A 111 13.67 8.90 0.10
N GLU A 112 13.91 10.21 0.20
CA GLU A 112 15.22 10.71 0.60
C GLU A 112 15.60 10.28 2.01
N ARG A 113 14.66 9.75 2.80
CA ARG A 113 14.97 9.23 4.12
C ARG A 113 15.46 7.79 4.08
N GLY A 114 15.29 7.09 2.96
CA GLY A 114 15.86 5.77 2.80
C GLY A 114 17.19 5.84 2.08
N LYS A 115 17.90 6.94 2.26
CA LYS A 115 19.14 7.22 1.54
C LYS A 115 20.35 6.53 2.14
N ARG A 116 20.20 5.81 3.24
CA ARG A 116 21.35 5.15 3.86
C ARG A 116 21.92 4.06 2.95
N ASN A 117 21.07 3.15 2.49
CA ASN A 117 21.51 2.03 1.65
C ASN A 117 21.79 2.46 0.21
N LEU A 118 21.64 3.75 -0.12
CA LEU A 118 21.84 4.20 -1.49
C LEU A 118 23.23 3.86 -2.00
N GLY A 119 24.26 4.22 -1.23
CA GLY A 119 25.62 3.88 -1.62
C GLY A 119 25.84 2.39 -1.75
N GLU A 120 25.04 1.58 -1.05
CA GLU A 120 25.12 0.14 -1.19
C GLU A 120 24.49 -0.33 -2.51
N LEU A 121 23.44 0.36 -2.96
CA LEU A 121 22.73 -0.07 -4.16
C LEU A 121 23.53 0.23 -5.42
N GLN A 122 23.94 1.50 -5.59
CA GLN A 122 24.65 1.89 -6.81
C GLN A 122 25.95 1.13 -6.98
N SER A 123 26.55 0.66 -5.87
CA SER A 123 27.79 -0.10 -5.97
C SER A 123 27.55 -1.48 -6.60
N HIS A 124 26.34 -2.03 -6.46
CA HIS A 124 26.04 -3.34 -7.01
C HIS A 124 25.39 -3.26 -8.40
N CYS A 125 24.63 -2.21 -8.66
CA CYS A 125 23.96 -2.02 -9.95
C CYS A 125 24.28 -0.63 -10.47
N PRO A 126 25.36 -0.48 -11.24
CA PRO A 126 25.69 0.84 -11.80
C PRO A 126 24.77 1.26 -12.93
N ASP A 127 24.05 0.32 -13.55
CA ASP A 127 23.17 0.62 -14.66
C ASP A 127 21.75 0.94 -14.23
N ILE A 128 21.40 0.72 -12.97
CA ILE A 128 20.08 1.06 -12.45
C ILE A 128 20.10 2.50 -11.95
N ASN A 129 19.15 3.30 -12.41
CA ASN A 129 19.06 4.70 -12.05
C ASN A 129 18.24 4.84 -10.77
N PHE A 130 18.92 5.11 -9.65
CA PHE A 130 18.24 5.34 -8.38
C PHE A 130 18.01 6.83 -8.19
N ILE A 131 16.80 7.18 -7.73
CA ILE A 131 16.40 8.58 -7.59
C ILE A 131 15.80 8.78 -6.21
N THR A 132 16.31 9.77 -5.49
CA THR A 132 15.76 10.16 -4.19
C THR A 132 14.62 11.14 -4.39
N VAL A 133 13.49 10.87 -3.74
CA VAL A 133 12.27 11.65 -3.92
C VAL A 133 11.88 12.24 -2.58
N ASN A 134 11.55 13.54 -2.60
CA ASN A 134 11.03 14.26 -1.43
C ASN A 134 9.77 15.00 -1.89
N ILE A 135 8.62 14.33 -1.77
CA ILE A 135 7.37 14.89 -2.28
C ILE A 135 6.92 16.10 -1.48
N ASP A 136 7.46 16.30 -0.28
CA ASP A 136 7.08 17.41 0.59
C ASP A 136 8.35 18.07 1.12
N LYS A 137 8.76 19.17 0.49
CA LYS A 137 9.86 19.99 0.99
C LYS A 137 9.36 21.25 1.67
N LYS A 138 8.06 21.51 1.67
CA LYS A 138 7.51 22.65 2.40
C LYS A 138 7.64 22.44 3.90
N ASN A 139 7.24 21.27 4.39
CA ASN A 139 7.31 20.95 5.81
C ASN A 139 8.09 19.69 6.10
N ASN A 140 8.57 18.98 5.07
CA ASN A 140 9.36 17.75 5.23
C ASN A 140 8.59 16.70 6.03
N VAL A 141 7.31 16.53 5.70
CA VAL A 141 6.46 15.55 6.36
C VAL A 141 6.02 14.44 5.41
N GLY A 142 5.68 14.80 4.17
CA GLY A 142 5.21 13.81 3.22
C GLY A 142 6.32 12.84 2.84
N LEU A 143 5.97 11.56 2.79
CA LEU A 143 6.90 10.50 2.45
C LEU A 143 6.40 9.72 1.24
N LEU A 144 7.34 9.21 0.45
CA LEU A 144 6.99 8.44 -0.74
C LEU A 144 6.68 7.00 -0.36
N LEU A 145 5.42 6.62 -0.43
CA LEU A 145 5.01 5.25 -0.14
C LEU A 145 4.35 4.62 -1.37
N GLY A 146 4.99 4.74 -2.53
CA GLY A 146 4.48 4.15 -3.74
C GLY A 146 4.26 2.65 -3.61
N CYS A 147 5.36 1.91 -3.45
CA CYS A 147 5.32 0.48 -3.20
C CYS A 147 4.62 -0.27 -4.34
N PHE A 148 5.08 -0.02 -5.57
CA PHE A 148 4.50 -0.65 -6.74
C PHE A 148 5.53 -0.74 -7.85
N TRP A 149 5.29 -1.69 -8.76
CA TRP A 149 6.11 -1.91 -9.94
C TRP A 149 5.26 -1.78 -11.19
N VAL A 150 5.87 -1.27 -12.26
CA VAL A 150 5.22 -1.19 -13.56
C VAL A 150 6.26 -1.47 -14.65
N SER A 151 5.88 -2.29 -15.63
CA SER A 151 6.81 -2.73 -16.66
C SER A 151 6.13 -2.77 -18.01
N ASP A 152 6.74 -2.10 -19.00
CA ASP A 152 6.38 -2.18 -20.41
C ASP A 152 4.97 -1.66 -20.71
N ASP A 153 4.37 -0.92 -19.78
CA ASP A 153 2.97 -0.51 -19.89
C ASP A 153 2.06 -1.71 -20.13
N GLU A 154 2.47 -2.86 -19.61
CA GLU A 154 1.74 -4.12 -19.79
C GLU A 154 1.57 -4.88 -18.50
N ARG A 155 2.60 -4.93 -17.64
CA ARG A 155 2.52 -5.66 -16.39
C ARG A 155 2.71 -4.71 -15.22
N CYS A 156 2.09 -5.04 -14.09
CA CYS A 156 2.21 -4.17 -12.93
C CYS A 156 1.87 -4.94 -11.66
N TYR A 157 2.47 -4.49 -10.56
CA TYR A 157 2.16 -4.97 -9.22
C TYR A 157 1.94 -3.76 -8.33
N VAL A 158 0.99 -3.87 -7.41
CA VAL A 158 0.74 -2.82 -6.43
C VAL A 158 0.32 -3.47 -5.11
N GLY A 159 1.02 -3.11 -4.04
CA GLY A 159 0.70 -3.67 -2.74
C GLY A 159 1.51 -3.04 -1.62
N ASN A 160 1.72 -3.80 -0.55
CA ASN A 160 2.51 -3.34 0.60
C ASN A 160 3.82 -4.12 0.73
N ALA A 161 4.32 -4.65 -0.38
CA ALA A 161 5.60 -5.35 -0.42
C ALA A 161 6.62 -4.42 -1.09
N SER A 162 7.30 -3.63 -0.26
CA SER A 162 8.29 -2.70 -0.77
C SER A 162 9.49 -3.45 -1.36
N PHE A 163 10.37 -2.70 -2.01
CA PHE A 163 11.57 -3.27 -2.64
C PHE A 163 12.64 -3.48 -1.57
N THR A 164 12.36 -4.44 -0.67
CA THR A 164 13.29 -4.83 0.38
C THR A 164 13.26 -6.34 0.50
N GLY A 165 14.33 -6.89 1.09
CA GLY A 165 14.39 -8.33 1.27
C GLY A 165 13.34 -8.84 2.24
N GLY A 166 13.02 -8.05 3.26
CA GLY A 166 12.00 -8.47 4.21
C GLY A 166 10.62 -8.58 3.59
N SER A 167 10.24 -7.58 2.79
CA SER A 167 8.93 -7.60 2.13
C SER A 167 8.79 -8.72 1.11
N ILE A 168 9.89 -9.38 0.75
CA ILE A 168 9.84 -10.47 -0.21
C ILE A 168 10.03 -11.84 0.46
N HIS A 169 10.73 -11.90 1.59
CA HIS A 169 11.11 -13.18 2.17
C HIS A 169 10.55 -13.40 3.56
N THR A 170 10.71 -12.43 4.47
CA THR A 170 10.44 -12.67 5.89
C THR A 170 9.24 -11.91 6.45
N ILE A 171 8.70 -10.93 5.73
CA ILE A 171 7.57 -10.14 6.19
C ILE A 171 6.36 -10.51 5.36
N LYS A 172 5.26 -10.88 6.03
CA LYS A 172 4.02 -11.15 5.33
C LYS A 172 3.50 -9.88 4.68
N THR A 173 3.26 -9.95 3.37
CA THR A 173 2.76 -8.79 2.63
C THR A 173 1.58 -9.21 1.76
N LEU A 174 0.87 -8.22 1.23
CA LEU A 174 -0.27 -8.45 0.36
C LEU A 174 -0.29 -7.41 -0.76
N GLY A 175 -0.85 -7.81 -1.90
CA GLY A 175 -0.93 -6.93 -3.04
C GLY A 175 -1.59 -7.63 -4.21
N VAL A 176 -1.56 -6.98 -5.37
CA VAL A 176 -2.22 -7.48 -6.58
C VAL A 176 -1.27 -7.32 -7.75
N TYR A 177 -1.30 -8.31 -8.66
CA TYR A 177 -0.55 -8.27 -9.92
C TYR A 177 -1.51 -8.35 -11.08
N SER A 178 -1.20 -7.65 -12.16
CA SER A 178 -2.04 -7.66 -13.34
C SER A 178 -1.20 -7.46 -14.59
N ASP A 179 -1.47 -8.28 -15.61
CA ASP A 179 -0.85 -8.13 -16.94
C ASP A 179 -1.78 -7.41 -17.90
N TYR A 180 -2.57 -6.46 -17.41
CA TYR A 180 -3.49 -5.70 -18.23
C TYR A 180 -2.86 -4.37 -18.61
N PRO A 181 -2.65 -4.10 -19.90
CA PRO A 181 -1.87 -2.92 -20.31
C PRO A 181 -2.50 -1.61 -19.85
N PRO A 182 -3.82 -1.40 -19.98
CA PRO A 182 -4.38 -0.11 -19.55
C PRO A 182 -4.17 0.18 -18.06
N LEU A 183 -4.37 -0.82 -17.21
CA LEU A 183 -4.15 -0.62 -15.77
C LEU A 183 -2.69 -0.33 -15.48
N ALA A 184 -1.77 -1.05 -16.14
CA ALA A 184 -0.35 -0.81 -15.96
C ALA A 184 0.02 0.60 -16.39
N THR A 185 -0.61 1.11 -17.45
CA THR A 185 -0.31 2.46 -17.91
C THR A 185 -0.88 3.50 -16.93
N ASP A 186 -2.07 3.24 -16.39
CA ASP A 186 -2.62 4.15 -15.39
C ASP A 186 -1.77 4.17 -14.13
N LEU A 187 -1.07 3.08 -13.82
CA LEU A 187 -0.14 3.08 -12.70
C LEU A 187 1.19 3.75 -13.07
N ARG A 188 1.62 3.59 -14.32
CA ARG A 188 2.81 4.28 -14.79
C ARG A 188 2.61 5.80 -14.76
N ARG A 189 1.38 6.26 -14.93
CA ARG A 189 1.11 7.69 -14.78
C ARG A 189 1.36 8.16 -13.36
N ARG A 190 0.98 7.35 -12.37
CA ARG A 190 1.29 7.68 -10.99
C ARG A 190 2.79 7.70 -10.76
N PHE A 191 3.51 6.73 -11.36
CA PHE A 191 4.96 6.73 -11.25
C PHE A 191 5.56 8.00 -11.86
N ASP A 192 5.00 8.45 -12.99
CA ASP A 192 5.45 9.69 -13.61
C ASP A 192 5.24 10.88 -12.68
N THR A 193 4.06 10.95 -12.07
CA THR A 193 3.78 12.03 -11.13
C THR A 193 4.77 12.02 -9.97
N PHE A 194 5.12 10.83 -9.47
CA PHE A 194 6.02 10.75 -8.32
C PHE A 194 7.48 11.02 -8.69
N LYS A 195 7.89 10.71 -9.92
CA LYS A 195 9.29 10.86 -10.29
C LYS A 195 9.72 12.32 -10.31
N ALA A 196 8.81 13.24 -10.63
CA ALA A 196 9.16 14.64 -10.82
C ALA A 196 9.65 15.32 -9.55
N PHE A 197 9.54 14.67 -8.40
CA PHE A 197 9.93 15.26 -7.13
C PHE A 197 11.35 14.87 -6.71
N ASN A 198 12.24 14.69 -7.68
CA ASN A 198 13.64 14.42 -7.37
C ASN A 198 14.26 15.64 -6.69
N SER A 199 15.24 15.38 -5.81
CA SER A 199 15.83 16.45 -5.02
C SER A 199 16.87 17.23 -5.80
N ALA A 200 17.70 16.55 -6.59
CA ALA A 200 18.76 17.21 -7.32
C ALA A 200 18.20 18.02 -8.48
N LYS A 201 18.71 19.24 -8.63
CA LYS A 201 18.33 20.17 -9.70
C LYS A 201 16.88 20.63 -9.57
N ASN A 202 16.55 21.74 -10.24
CA ASN A 202 15.19 22.26 -10.17
C ASN A 202 14.19 21.28 -10.78
N SER A 203 13.13 21.01 -10.04
CA SER A 203 12.10 20.07 -10.48
C SER A 203 10.80 20.41 -9.75
N ALA A 204 9.88 19.44 -9.71
CA ALA A 204 8.61 19.63 -9.03
C ALA A 204 8.77 19.72 -7.52
N ALA A 205 9.93 19.34 -6.97
CA ALA A 205 10.18 19.45 -5.54
C ALA A 205 10.90 20.74 -5.17
N ASN A 206 11.36 21.52 -6.15
CA ASN A 206 12.08 22.76 -5.89
C ASN A 206 11.33 23.98 -6.38
N LEU A 207 10.88 23.99 -7.63
CA LEU A 207 10.18 25.11 -8.22
C LEU A 207 8.66 24.90 -8.14
N ALA A 208 7.94 26.00 -8.01
CA ALA A 208 6.48 25.99 -8.03
C ALA A 208 5.94 26.01 -9.45
N SER A 209 6.54 26.80 -10.34
CA SER A 209 6.08 26.85 -11.73
C SER A 209 6.34 25.54 -12.44
N ALA A 210 7.50 24.92 -12.19
CA ALA A 210 7.80 23.63 -12.81
C ALA A 210 6.89 22.53 -12.27
N ALA A 211 6.54 22.60 -10.99
CA ALA A 211 5.60 21.63 -10.42
C ALA A 211 4.20 21.85 -10.97
N ALA A 212 3.82 23.10 -11.24
CA ALA A 212 2.51 23.38 -11.83
C ALA A 212 2.39 22.85 -13.25
N ALA A 213 3.51 22.59 -13.93
CA ALA A 213 3.51 22.05 -15.28
C ALA A 213 3.57 20.53 -15.29
N LEU A 214 3.10 19.87 -14.24
CA LEU A 214 3.10 18.42 -14.17
C LEU A 214 1.79 17.88 -14.74
N PRO A 215 1.81 17.17 -15.86
CA PRO A 215 0.57 16.56 -16.37
C PRO A 215 0.07 15.45 -15.47
N VAL A 216 -0.49 15.83 -14.31
CA VAL A 216 -1.04 14.86 -13.37
C VAL A 216 -2.32 14.27 -13.97
N SER A 217 -2.19 13.12 -14.60
CA SER A 217 -3.29 12.51 -15.33
C SER A 217 -3.67 11.17 -14.71
N THR A 218 -4.91 10.76 -14.97
CA THR A 218 -5.41 9.45 -14.57
C THR A 218 -6.43 9.01 -15.60
N ALA A 219 -6.40 7.72 -15.94
CA ALA A 219 -7.32 7.16 -16.92
C ALA A 219 -8.56 6.56 -16.30
N TYR A 220 -8.51 6.14 -15.03
CA TYR A 220 -9.63 5.48 -14.38
C TYR A 220 -9.70 5.91 -12.93
N HIS A 221 -10.92 6.11 -12.44
CA HIS A 221 -11.16 6.47 -11.05
C HIS A 221 -12.48 5.86 -10.62
N ILE A 222 -13.00 6.29 -9.46
CA ILE A 222 -14.22 5.69 -8.94
C ILE A 222 -15.42 6.02 -9.81
N LYS A 223 -15.35 7.13 -10.56
CA LYS A 223 -16.43 7.49 -11.46
C LYS A 223 -16.31 6.81 -12.82
N ASN A 224 -15.16 6.21 -13.13
CA ASN A 224 -14.96 5.50 -14.40
C ASN A 224 -13.95 4.38 -14.17
N PRO A 225 -14.36 3.32 -13.50
CA PRO A 225 -13.45 2.19 -13.26
C PRO A 225 -13.33 1.32 -14.50
N ILE A 226 -12.28 0.50 -14.51
CA ILE A 226 -11.99 -0.42 -15.60
C ILE A 226 -12.01 -1.84 -15.04
N GLY A 227 -12.90 -2.68 -15.58
CA GLY A 227 -13.06 -4.03 -15.11
C GLY A 227 -13.37 -4.11 -13.64
N GLY A 228 -14.00 -3.07 -13.10
CA GLY A 228 -14.25 -3.00 -11.67
C GLY A 228 -13.02 -2.75 -10.84
N VAL A 229 -12.05 -2.00 -11.37
CA VAL A 229 -10.78 -1.74 -10.69
C VAL A 229 -10.39 -0.29 -10.94
N PHE A 230 -9.91 0.38 -9.89
CA PHE A 230 -9.42 1.74 -10.05
C PHE A 230 -8.36 2.05 -8.99
N PHE A 231 -7.61 3.12 -9.25
CA PHE A 231 -6.54 3.56 -8.36
C PHE A 231 -6.97 4.84 -7.64
N THR A 232 -6.79 4.85 -6.33
CA THR A 232 -6.88 6.07 -5.55
C THR A 232 -5.48 6.55 -5.19
N ASP A 233 -5.36 7.85 -4.92
CA ASP A 233 -4.05 8.46 -4.77
C ASP A 233 -4.03 9.37 -3.55
N SER A 234 -2.80 9.66 -3.10
CA SER A 234 -2.57 10.52 -1.95
C SER A 234 -1.20 11.16 -2.11
N PRO A 235 -0.99 12.37 -1.58
CA PRO A 235 -1.89 13.20 -0.78
C PRO A 235 -2.81 14.09 -1.60
N GLU A 236 -3.43 15.08 -0.95
CA GLU A 236 -4.40 15.93 -1.65
C GLU A 236 -3.72 16.93 -2.56
N HIS A 237 -2.57 17.46 -2.15
CA HIS A 237 -1.87 18.46 -2.95
C HIS A 237 -1.13 17.86 -4.13
N LEU A 238 -1.28 16.56 -4.39
CA LEU A 238 -0.65 15.91 -5.54
C LEU A 238 -1.68 15.26 -6.46
N LEU A 239 -2.97 15.52 -6.25
CA LEU A 239 -4.02 14.92 -7.07
C LEU A 239 -4.31 15.68 -8.35
N GLY A 240 -4.06 16.99 -8.37
CA GLY A 240 -4.50 17.79 -9.49
C GLY A 240 -6.00 18.00 -9.41
N TYR A 241 -6.67 17.88 -10.56
CA TYR A 241 -8.11 18.05 -10.63
C TYR A 241 -8.85 16.78 -11.01
N SER A 242 -8.15 15.75 -11.49
CA SER A 242 -8.79 14.53 -11.99
C SER A 242 -8.74 13.38 -11.01
N ARG A 243 -7.60 13.15 -10.37
CA ARG A 243 -7.44 12.00 -9.49
C ARG A 243 -8.31 12.11 -8.26
N ASP A 244 -8.62 10.97 -7.66
CA ASP A 244 -9.47 10.89 -6.49
C ASP A 244 -8.63 10.66 -5.24
N LEU A 245 -8.97 11.37 -4.16
CA LEU A 245 -8.25 11.21 -2.90
C LEU A 245 -8.62 9.89 -2.25
N ASP A 246 -7.61 9.14 -1.82
CA ASP A 246 -7.85 7.87 -1.16
C ASP A 246 -8.61 8.06 0.15
N THR A 247 -8.36 9.19 0.83
CA THR A 247 -9.04 9.46 2.09
C THR A 247 -10.55 9.50 1.90
N ASP A 248 -11.02 10.32 0.95
CA ASP A 248 -12.45 10.44 0.72
C ASP A 248 -13.07 9.13 0.27
N VAL A 249 -12.36 8.40 -0.59
CA VAL A 249 -12.89 7.13 -1.10
C VAL A 249 -13.06 6.13 0.03
N VAL A 250 -12.04 6.00 0.89
CA VAL A 250 -12.12 5.05 1.99
C VAL A 250 -13.21 5.46 2.98
N ILE A 251 -13.30 6.76 3.29
CA ILE A 251 -14.32 7.20 4.23
C ILE A 251 -15.72 6.99 3.67
N ASP A 252 -15.90 7.20 2.36
CA ASP A 252 -17.20 6.97 1.74
C ASP A 252 -17.56 5.49 1.73
N LYS A 253 -16.59 4.62 1.43
CA LYS A 253 -16.86 3.19 1.44
C LYS A 253 -17.13 2.67 2.84
N LEU A 254 -16.57 3.31 3.87
CA LEU A 254 -16.85 2.91 5.23
C LEU A 254 -18.20 3.44 5.71
N LYS A 255 -18.57 4.66 5.31
CA LYS A 255 -19.86 5.21 5.69
C LYS A 255 -21.01 4.59 4.92
N SER A 256 -20.74 4.00 3.75
CA SER A 256 -21.77 3.34 2.95
C SER A 256 -21.78 1.83 3.16
N ALA A 257 -21.27 1.35 4.29
CA ALA A 257 -21.30 -0.07 4.60
C ALA A 257 -22.65 -0.44 5.22
N LYS A 258 -23.09 -1.66 4.91
CA LYS A 258 -24.39 -2.12 5.40
C LYS A 258 -24.28 -3.45 6.13
N THR A 259 -23.33 -4.30 5.71
CA THR A 259 -23.26 -5.67 6.20
C THR A 259 -22.02 -5.93 7.04
N SER A 260 -20.82 -5.79 6.47
CA SER A 260 -19.60 -6.12 7.19
C SER A 260 -18.48 -5.18 6.82
N ILE A 261 -17.57 -4.96 7.76
CA ILE A 261 -16.33 -4.22 7.55
C ILE A 261 -15.20 -5.03 8.14
N ASP A 262 -14.23 -5.41 7.30
CA ASP A 262 -13.10 -6.23 7.71
C ASP A 262 -11.82 -5.48 7.38
N ILE A 263 -11.09 -5.05 8.41
CA ILE A 263 -9.89 -4.25 8.24
C ILE A 263 -8.70 -4.97 8.87
N GLU A 264 -7.66 -5.18 8.07
CA GLU A 264 -6.39 -5.73 8.54
C GLU A 264 -5.32 -4.68 8.21
N HIS A 265 -5.09 -3.77 9.15
CA HIS A 265 -4.04 -2.78 9.07
C HIS A 265 -3.16 -2.89 10.31
N LEU A 266 -2.14 -2.02 10.38
CA LEU A 266 -1.21 -2.08 11.50
C LEU A 266 -1.87 -1.62 12.79
N ALA A 267 -2.49 -0.43 12.77
CA ALA A 267 -3.18 0.10 13.92
C ALA A 267 -4.14 1.19 13.45
N ILE A 268 -5.22 1.38 14.21
CA ILE A 268 -6.24 2.36 13.85
C ILE A 268 -6.39 3.37 14.98
N VAL A 269 -5.30 3.69 15.65
CA VAL A 269 -5.34 4.76 16.66
C VAL A 269 -5.63 6.08 15.97
N PRO A 270 -6.62 6.85 16.43
CA PRO A 270 -6.90 8.15 15.82
C PRO A 270 -5.86 9.22 16.11
N THR A 271 -4.72 8.87 16.70
CA THR A 271 -3.68 9.84 17.03
C THR A 271 -2.33 9.27 16.64
N THR A 272 -1.60 10.01 15.81
CA THR A 272 -0.22 9.67 15.47
C THR A 272 0.73 10.63 16.20
N ARG A 273 2.03 10.44 15.98
CA ARG A 273 3.04 11.31 16.56
C ARG A 273 3.98 11.77 15.45
N VAL A 274 3.85 13.04 15.05
CA VAL A 274 4.71 13.64 14.04
C VAL A 274 5.81 14.42 14.76
N ASP A 275 7.06 14.11 14.43
CA ASP A 275 8.21 14.65 15.14
C ASP A 275 8.08 14.38 16.63
N GLY A 276 7.94 15.44 17.43
CA GLY A 276 7.75 15.29 18.85
C GLY A 276 6.42 15.83 19.33
N ASN A 277 5.42 15.82 18.46
CA ASN A 277 4.10 16.36 18.76
C ASN A 277 3.02 15.39 18.32
N SER A 278 2.01 15.21 19.17
CA SER A 278 0.91 14.32 18.86
C SER A 278 -0.10 15.00 17.94
N TYR A 279 -0.62 14.24 16.99
CA TYR A 279 -1.54 14.75 15.98
C TYR A 279 -2.81 13.90 16.01
N TYR A 280 -3.95 14.55 16.20
CA TYR A 280 -5.24 13.89 16.36
C TYR A 280 -6.00 13.93 15.04
N TRP A 281 -6.42 12.76 14.56
CA TRP A 281 -7.10 12.65 13.27
C TRP A 281 -8.00 11.43 13.32
N PRO A 282 -9.26 11.61 13.74
CA PRO A 282 -10.13 10.46 14.00
C PRO A 282 -11.14 10.19 12.89
N ASP A 283 -10.84 10.58 11.65
CA ASP A 283 -11.83 10.49 10.58
C ASP A 283 -12.23 9.04 10.33
N ILE A 284 -11.26 8.17 10.03
CA ILE A 284 -11.56 6.77 9.80
C ILE A 284 -12.06 6.11 11.08
N TYR A 285 -11.45 6.45 12.22
CA TYR A 285 -11.89 5.96 13.52
C TYR A 285 -13.38 6.22 13.73
N ASN A 286 -13.79 7.48 13.58
CA ASN A 286 -15.18 7.84 13.82
C ASN A 286 -16.11 7.28 12.76
N SER A 287 -15.66 7.17 11.51
CA SER A 287 -16.51 6.54 10.49
C SER A 287 -16.78 5.09 10.84
N ILE A 288 -15.76 4.36 11.30
CA ILE A 288 -15.95 2.97 11.67
C ILE A 288 -16.86 2.85 12.90
N ILE A 289 -16.68 3.74 13.88
CA ILE A 289 -17.55 3.68 15.05
C ILE A 289 -19.00 4.00 14.66
N GLU A 290 -19.18 4.95 13.74
CA GLU A 290 -20.50 5.27 13.23
C GLU A 290 -21.13 4.06 12.53
N ALA A 291 -20.31 3.30 11.80
CA ALA A 291 -20.80 2.09 11.17
C ALA A 291 -21.19 1.04 12.21
N ALA A 292 -20.44 0.97 13.31
CA ALA A 292 -20.63 -0.10 14.27
C ALA A 292 -21.82 0.16 15.19
N ILE A 293 -21.99 1.39 15.66
CA ILE A 293 -23.03 1.70 16.65
C ILE A 293 -24.35 2.04 15.99
N ASN A 294 -24.34 2.99 15.05
CA ASN A 294 -25.58 3.45 14.46
C ASN A 294 -26.15 2.43 13.48
N ARG A 295 -25.30 1.89 12.60
CA ARG A 295 -25.76 0.95 11.59
C ARG A 295 -25.58 -0.52 11.98
N GLY A 296 -24.91 -0.79 13.11
CA GLY A 296 -24.79 -2.16 13.59
C GLY A 296 -24.04 -3.08 12.64
N VAL A 297 -23.00 -2.57 11.98
CA VAL A 297 -22.24 -3.35 11.02
C VAL A 297 -21.29 -4.28 11.77
N LYS A 298 -21.27 -5.56 11.38
CA LYS A 298 -20.35 -6.52 11.96
C LYS A 298 -18.94 -6.19 11.49
N ILE A 299 -18.11 -5.70 12.40
CA ILE A 299 -16.76 -5.22 12.07
C ILE A 299 -15.74 -6.07 12.82
N ARG A 300 -14.73 -6.55 12.09
CA ARG A 300 -13.64 -7.33 12.65
C ARG A 300 -12.33 -6.66 12.29
N LEU A 301 -11.58 -6.26 13.31
CA LEU A 301 -10.34 -5.51 13.15
C LEU A 301 -9.17 -6.40 13.57
N LEU A 302 -8.24 -6.63 12.65
CA LEU A 302 -7.03 -7.41 12.91
C LEU A 302 -5.84 -6.44 12.83
N VAL A 303 -5.37 -5.99 13.99
CA VAL A 303 -4.35 -4.96 14.05
C VAL A 303 -3.11 -5.50 14.75
N GLY A 304 -2.01 -4.74 14.64
CA GLY A 304 -0.80 -5.12 15.33
C GLY A 304 -0.80 -4.69 16.78
N ASN A 305 -0.04 -5.41 17.60
CA ASN A 305 0.02 -5.09 19.02
C ASN A 305 0.63 -3.72 19.22
N TRP A 306 0.42 -3.18 20.42
CA TRP A 306 0.79 -1.82 20.76
C TRP A 306 1.67 -1.81 22.00
N ASP A 307 2.35 -0.69 22.22
CA ASP A 307 3.21 -0.53 23.38
C ASP A 307 2.37 -0.16 24.60
N LYS A 308 2.61 -0.85 25.70
CA LYS A 308 1.90 -0.55 26.95
C LYS A 308 2.26 0.83 27.49
N ASN A 309 3.41 1.38 27.07
CA ASN A 309 3.80 2.72 27.50
C ASN A 309 3.08 3.82 26.74
N ASP A 310 2.54 3.51 25.56
CA ASP A 310 1.83 4.50 24.75
C ASP A 310 0.42 4.68 25.30
N VAL A 311 0.14 5.85 25.84
CA VAL A 311 -1.17 6.09 26.47
C VAL A 311 -2.26 6.22 25.41
N TYR A 312 -1.92 6.72 24.22
CA TYR A 312 -2.92 6.83 23.17
C TYR A 312 -3.39 5.47 22.70
N SER A 313 -2.45 4.53 22.52
CA SER A 313 -2.81 3.18 22.11
C SER A 313 -3.65 2.48 23.17
N MET A 314 -3.29 2.66 24.44
CA MET A 314 -4.07 2.06 25.52
C MET A 314 -5.45 2.67 25.61
N ALA A 315 -5.56 3.98 25.39
CA ALA A 315 -6.87 4.64 25.38
C ALA A 315 -7.74 4.09 24.25
N THR A 316 -7.17 3.98 23.06
CA THR A 316 -7.91 3.39 21.94
C THR A 316 -8.34 1.97 22.25
N ALA A 317 -7.44 1.18 22.86
CA ALA A 317 -7.74 -0.21 23.17
C ALA A 317 -8.89 -0.32 24.15
N ARG A 318 -8.81 0.40 25.27
CA ARG A 318 -9.88 0.34 26.26
C ARG A 318 -11.16 1.02 25.78
N SER A 319 -11.07 1.88 24.77
CA SER A 319 -12.27 2.44 24.17
C SER A 319 -12.98 1.39 23.33
N LEU A 320 -12.23 0.67 22.49
CA LEU A 320 -12.83 -0.37 21.67
C LEU A 320 -13.24 -1.59 22.50
N ASP A 321 -12.64 -1.77 23.68
CA ASP A 321 -12.96 -2.92 24.51
C ASP A 321 -14.39 -2.87 25.01
N ALA A 322 -14.87 -1.67 25.37
CA ALA A 322 -16.24 -1.51 25.81
C ALA A 322 -17.23 -1.47 24.65
N LEU A 323 -16.74 -1.34 23.42
CA LEU A 323 -17.62 -1.37 22.25
C LEU A 323 -17.77 -2.77 21.67
N CYS A 324 -16.73 -3.61 21.79
CA CYS A 324 -16.86 -5.00 21.36
C CYS A 324 -17.93 -5.73 22.16
N VAL A 325 -18.06 -5.40 23.44
CA VAL A 325 -19.02 -6.10 24.30
C VAL A 325 -20.43 -5.55 24.17
N GLN A 326 -20.59 -4.35 23.63
CA GLN A 326 -21.91 -3.73 23.47
C GLN A 326 -22.49 -3.95 22.08
N ASN A 327 -21.70 -3.77 21.03
CA ASN A 327 -22.14 -3.95 19.65
C ASN A 327 -21.40 -5.14 19.04
N ASP A 328 -21.71 -5.41 17.77
CA ASP A 328 -21.12 -6.55 17.05
C ASP A 328 -19.78 -6.11 16.48
N LEU A 329 -18.77 -6.12 17.34
CA LEU A 329 -17.42 -5.74 16.97
C LEU A 329 -16.44 -6.74 17.57
N SER A 330 -15.44 -7.13 16.78
CA SER A 330 -14.40 -8.05 17.23
C SER A 330 -13.03 -7.48 16.88
N VAL A 331 -12.07 -7.70 17.77
CA VAL A 331 -10.72 -7.18 17.62
C VAL A 331 -9.72 -8.28 17.95
N LYS A 332 -8.76 -8.49 17.06
CA LYS A 332 -7.64 -9.39 17.31
C LYS A 332 -6.34 -8.68 16.98
N VAL A 333 -5.27 -9.10 17.66
CA VAL A 333 -3.97 -8.46 17.53
C VAL A 333 -2.94 -9.49 17.08
N PHE A 334 -1.96 -9.02 16.33
CA PHE A 334 -0.85 -9.85 15.87
C PHE A 334 0.47 -9.16 16.23
N THR A 335 1.52 -9.96 16.40
CA THR A 335 2.84 -9.46 16.75
C THR A 335 3.86 -9.65 15.65
N ILE A 336 3.54 -10.40 14.60
CA ILE A 336 4.50 -10.66 13.53
C ILE A 336 4.67 -9.42 12.66
N GLN A 337 5.77 -9.38 11.92
CA GLN A 337 6.03 -8.32 10.95
C GLN A 337 5.08 -8.51 9.77
N ASN A 338 4.04 -7.68 9.72
CA ASN A 338 3.03 -7.77 8.66
C ASN A 338 2.71 -6.37 8.17
N ASN A 339 2.98 -6.12 6.90
CA ASN A 339 2.69 -4.84 6.27
C ASN A 339 1.32 -4.81 5.60
N THR A 340 0.52 -5.86 5.77
CA THR A 340 -0.76 -5.97 5.09
C THR A 340 -1.68 -4.81 5.46
N LYS A 341 -2.24 -4.16 4.43
CA LYS A 341 -3.19 -3.06 4.60
C LYS A 341 -4.42 -3.41 3.75
N LEU A 342 -5.36 -4.15 4.34
CA LEU A 342 -6.51 -4.68 3.63
C LEU A 342 -7.81 -4.12 4.21
N LEU A 343 -8.74 -3.75 3.33
CA LEU A 343 -10.06 -3.31 3.72
C LEU A 343 -11.08 -4.01 2.85
N ILE A 344 -12.11 -4.60 3.48
CA ILE A 344 -13.16 -5.32 2.77
C ILE A 344 -14.50 -4.83 3.29
N VAL A 345 -15.38 -4.41 2.38
CA VAL A 345 -16.67 -3.84 2.73
C VAL A 345 -17.77 -4.66 2.06
N ASP A 346 -18.60 -5.29 2.88
CA ASP A 346 -19.86 -5.92 2.44
C ASP A 346 -19.63 -7.03 1.43
N ASP A 347 -18.43 -7.60 1.43
CA ASP A 347 -18.05 -8.65 0.47
C ASP A 347 -18.32 -8.18 -0.96
N GLU A 348 -18.20 -6.87 -1.17
CA GLU A 348 -18.43 -6.24 -2.47
C GLU A 348 -17.35 -5.23 -2.84
N TYR A 349 -16.64 -4.64 -1.88
CA TYR A 349 -15.56 -3.70 -2.16
C TYR A 349 -14.30 -4.14 -1.45
N VAL A 350 -13.16 -4.04 -2.15
CA VAL A 350 -11.86 -4.36 -1.56
C VAL A 350 -10.89 -3.21 -1.85
N HIS A 351 -10.05 -2.92 -0.86
CA HIS A 351 -9.12 -1.79 -0.90
C HIS A 351 -7.80 -2.24 -0.30
N ILE A 352 -6.76 -2.30 -1.13
CA ILE A 352 -5.43 -2.71 -0.70
C ILE A 352 -4.46 -1.56 -0.94
N THR A 353 -3.71 -1.20 0.10
CA THR A 353 -2.80 -0.07 0.03
C THR A 353 -1.49 -0.42 0.73
N SER A 354 -0.55 0.52 0.67
CA SER A 354 0.70 0.40 1.42
C SER A 354 0.74 1.30 2.65
N ALA A 355 -0.16 2.27 2.73
CA ALA A 355 -0.22 3.17 3.87
C ALA A 355 -1.24 2.66 4.90
N ASN A 356 -1.02 3.03 6.15
CA ASN A 356 -1.89 2.62 7.24
C ASN A 356 -2.96 3.67 7.50
N PHE A 357 -4.13 3.21 7.92
CA PHE A 357 -5.26 4.09 8.23
C PHE A 357 -4.96 4.95 9.45
N ASP A 358 -4.42 6.14 9.21
CA ASP A 358 -4.14 7.06 10.31
C ASP A 358 -4.05 8.48 9.74
N GLY A 359 -3.70 9.43 10.61
CA GLY A 359 -3.70 10.82 10.20
C GLY A 359 -2.50 11.20 9.36
N THR A 360 -1.30 10.89 9.86
CA THR A 360 -0.08 11.27 9.15
C THR A 360 -0.07 10.73 7.72
N HIS A 361 -0.42 9.46 7.55
CA HIS A 361 -0.36 8.82 6.24
C HIS A 361 -1.32 9.49 5.26
N TYR A 362 -2.61 9.51 5.59
CA TYR A 362 -3.61 10.05 4.67
C TYR A 362 -3.67 11.57 4.67
N GLN A 363 -2.81 12.24 5.42
CA GLN A 363 -2.72 13.70 5.37
C GLN A 363 -1.45 14.21 4.70
N ASN A 364 -0.36 13.46 4.74
CA ASN A 364 0.89 13.98 4.18
C ASN A 364 1.58 13.02 3.23
N HIS A 365 1.51 11.72 3.48
CA HIS A 365 2.25 10.76 2.67
C HIS A 365 1.64 10.61 1.29
N GLY A 366 2.49 10.27 0.32
CA GLY A 366 2.04 10.07 -1.04
C GLY A 366 2.08 8.61 -1.46
N PHE A 367 0.94 8.06 -1.86
CA PHE A 367 0.86 6.65 -2.19
C PHE A 367 -0.27 6.43 -3.18
N VAL A 368 -0.29 5.22 -3.75
CA VAL A 368 -1.35 4.77 -4.63
C VAL A 368 -1.99 3.52 -4.02
N SER A 369 -3.30 3.38 -4.19
CA SER A 369 -4.06 2.32 -3.56
C SER A 369 -4.97 1.66 -4.58
N PHE A 370 -5.00 0.33 -4.53
CA PHE A 370 -5.82 -0.48 -5.42
C PHE A 370 -7.22 -0.63 -4.82
N ASN A 371 -8.24 -0.42 -5.64
CA ASN A 371 -9.62 -0.58 -5.22
C ASN A 371 -10.34 -1.42 -6.27
N SER A 372 -11.12 -2.40 -5.82
CA SER A 372 -11.83 -3.27 -6.75
C SER A 372 -13.21 -3.60 -6.21
N ILE A 373 -14.13 -3.89 -7.13
CA ILE A 373 -15.47 -4.32 -6.80
C ILE A 373 -15.85 -5.63 -7.47
N ASP A 374 -14.93 -6.25 -8.21
CA ASP A 374 -15.21 -7.53 -8.84
C ASP A 374 -15.49 -8.59 -7.77
N LYS A 375 -16.64 -9.25 -7.89
CA LYS A 375 -17.07 -10.19 -6.86
C LYS A 375 -16.08 -11.33 -6.66
N GLN A 376 -15.43 -11.78 -7.73
CA GLN A 376 -14.45 -12.87 -7.60
C GLN A 376 -13.22 -12.42 -6.82
N LEU A 377 -12.67 -11.26 -7.17
CA LEU A 377 -11.48 -10.76 -6.49
C LEU A 377 -11.79 -10.41 -5.04
N VAL A 378 -12.95 -9.80 -4.79
CA VAL A 378 -13.34 -9.49 -3.43
C VAL A 378 -13.59 -10.77 -2.63
N SER A 379 -14.09 -11.82 -3.28
CA SER A 379 -14.29 -13.08 -2.58
C SER A 379 -12.95 -13.72 -2.20
N GLU A 380 -11.97 -13.66 -3.11
CA GLU A 380 -10.64 -14.16 -2.76
C GLU A 380 -10.02 -13.35 -1.63
N ALA A 381 -10.22 -12.03 -1.64
CA ALA A 381 -9.73 -11.20 -0.55
C ALA A 381 -10.41 -11.55 0.77
N LYS A 382 -11.71 -11.84 0.73
CA LYS A 382 -12.43 -12.27 1.92
C LYS A 382 -11.90 -13.60 2.43
N LYS A 383 -11.56 -14.51 1.51
CA LYS A 383 -10.92 -15.77 1.89
C LYS A 383 -9.61 -15.51 2.62
N ILE A 384 -8.80 -14.60 2.08
CA ILE A 384 -7.51 -14.28 2.72
C ILE A 384 -7.73 -13.70 4.11
N PHE A 385 -8.70 -12.78 4.25
CA PHE A 385 -8.94 -12.17 5.55
C PHE A 385 -9.48 -13.19 6.55
N GLU A 386 -10.31 -14.13 6.09
CA GLU A 386 -10.80 -15.16 6.98
C GLU A 386 -9.69 -16.09 7.42
N ARG A 387 -8.76 -16.42 6.52
CA ARG A 387 -7.60 -17.21 6.90
C ARG A 387 -6.76 -16.48 7.94
N ASP A 388 -6.58 -15.17 7.77
CA ASP A 388 -5.77 -14.41 8.72
C ASP A 388 -6.47 -14.24 10.06
N TRP A 389 -7.81 -14.17 10.06
CA TRP A 389 -8.53 -13.87 11.29
C TRP A 389 -8.47 -15.02 12.28
N VAL A 390 -8.49 -16.26 11.80
CA VAL A 390 -8.52 -17.43 12.66
C VAL A 390 -7.12 -18.00 12.79
N SER A 391 -6.13 -17.27 12.29
CA SER A 391 -4.76 -17.73 12.37
C SER A 391 -4.28 -17.77 13.81
N SER A 392 -3.24 -18.57 14.05
CA SER A 392 -2.66 -18.67 15.39
C SER A 392 -1.98 -17.37 15.80
N HIS A 393 -1.45 -16.62 14.83
CA HIS A 393 -0.84 -15.33 15.13
C HIS A 393 -1.87 -14.27 15.51
N SER A 394 -3.16 -14.56 15.35
CA SER A 394 -4.22 -13.62 15.67
C SER A 394 -4.83 -14.03 17.01
N LYS A 395 -4.24 -13.53 18.09
CA LYS A 395 -4.81 -13.73 19.41
C LYS A 395 -5.89 -12.71 19.70
N SER A 396 -6.92 -13.13 20.43
CA SER A 396 -8.02 -12.24 20.75
C SER A 396 -7.55 -11.08 21.61
N LEU A 397 -8.23 -9.94 21.46
CA LEU A 397 -7.87 -8.75 22.23
C LEU A 397 -8.18 -8.97 23.71
N LYS A 398 -7.19 -8.68 24.55
CA LYS A 398 -7.33 -8.82 25.99
C LYS A 398 -6.74 -7.59 26.67
N ILE A 399 -7.47 -7.05 27.64
CA ILE A 399 -7.02 -5.87 28.37
C ILE A 399 -7.21 -6.07 29.87
#